data_6ZT1
#
_entry.id   6ZT1
#
_cell.length_a   58.920
_cell.length_b   128.100
_cell.length_c   56.530
_cell.angle_alpha   90.000
_cell.angle_beta   90.000
_cell.angle_gamma   90.000
#
_symmetry.space_group_name_H-M   'P 21 21 2'
#
loop_
_entity.id
_entity.type
_entity.pdbx_description
1 polymer CC-Type2-(LaIdGe)4
2 water water
#
_entity_poly.entity_id   1
_entity_poly.type   'polypeptide(L)'
_entity_poly.pdbx_seq_one_letter_code
;(ACE)GEIGQALKEIGKALKEIG(4BF)ALKEIGQALKG(NH2)
;
_entity_poly.pdbx_strand_id   A,B,C,D,E,F,G,H,I,J,K,L
#
loop_
_chem_comp.id
_chem_comp.type
_chem_comp.name
_chem_comp.formula
ACE non-polymer 'ACETYL GROUP' 'C2 H4 O'
NH2 non-polymer 'AMINO GROUP' 'H2 N'
#
# COMPACT_ATOMS: atom_id res chain seq x y z
C ACE A 1 -12.07 -18.00 -22.42
O ACE A 1 -11.92 -19.22 -22.32
CH3 ACE A 1 -12.94 -17.20 -21.49
N GLY A 2 -11.47 -17.29 -23.39
CA GLY A 2 -10.61 -17.94 -24.35
C GLY A 2 -9.16 -17.95 -23.92
N GLU A 3 -8.31 -18.55 -24.75
CA GLU A 3 -6.90 -18.66 -24.41
C GLU A 3 -6.28 -17.28 -24.20
N ILE A 4 -6.50 -16.36 -25.14
CA ILE A 4 -5.83 -15.07 -25.06
C ILE A 4 -6.42 -14.21 -23.94
N GLY A 5 -7.76 -14.19 -23.83
CA GLY A 5 -8.41 -13.40 -22.79
C GLY A 5 -8.02 -13.84 -21.40
N GLN A 6 -7.93 -15.16 -21.17
CA GLN A 6 -7.49 -15.64 -19.86
C GLN A 6 -6.04 -15.28 -19.60
N ALA A 7 -5.18 -15.43 -20.61
CA ALA A 7 -3.78 -15.02 -20.45
C ALA A 7 -3.68 -13.54 -20.10
N LEU A 8 -4.49 -12.69 -20.75
CA LEU A 8 -4.48 -11.26 -20.43
C LEU A 8 -4.99 -10.99 -19.02
N LYS A 9 -5.94 -11.77 -18.52
CA LYS A 9 -6.40 -11.56 -17.16
C LYS A 9 -5.33 -11.93 -16.15
N GLU A 10 -4.57 -13.01 -16.41
CA GLU A 10 -3.43 -13.30 -15.55
C GLU A 10 -2.39 -12.18 -15.60
N ILE A 11 -2.17 -11.59 -16.77
CA ILE A 11 -1.24 -10.45 -16.85
C ILE A 11 -1.79 -9.27 -16.06
N GLY A 12 -3.08 -8.98 -16.20
CA GLY A 12 -3.66 -7.91 -15.40
C GLY A 12 -3.50 -8.14 -13.91
N LYS A 13 -3.67 -9.39 -13.47
CA LYS A 13 -3.52 -9.71 -12.05
C LYS A 13 -2.07 -9.55 -11.60
N ALA A 14 -1.11 -9.96 -12.44
CA ALA A 14 0.29 -9.75 -12.08
C ALA A 14 0.62 -8.26 -11.95
N LEU A 15 0.03 -7.43 -12.82
CA LEU A 15 0.26 -5.99 -12.74
C LEU A 15 -0.37 -5.37 -11.48
N LYS A 16 -1.54 -5.86 -11.07
CA LYS A 16 -2.14 -5.40 -9.82
C LYS A 16 -1.25 -5.79 -8.64
N GLU A 17 -0.64 -6.96 -8.71
CA GLU A 17 0.30 -7.38 -7.68
C GLU A 17 1.54 -6.50 -7.65
N ILE A 18 1.99 -6.04 -8.81
CA ILE A 18 3.14 -5.12 -8.86
C ILE A 18 2.77 -3.76 -8.27
N GLY A 19 1.60 -3.25 -8.62
CA GLY A 19 1.15 -2.00 -8.03
C GLY A 19 1.10 -2.09 -6.52
CD1 4BF A 20 -1.71 -3.64 -2.35
CE1 4BF A 20 -2.05 -3.45 -1.02
CZ 4BF A 20 -1.31 -4.09 -0.01
BR 4BF A 20 -1.79 -3.83 1.80
CE2 4BF A 20 -0.22 -4.89 -0.36
CD2 4BF A 20 0.11 -5.09 -1.70
CG 4BF A 20 -0.63 -4.46 -2.70
CB 4BF A 20 -0.26 -4.63 -4.13
CA 4BF A 20 0.52 -3.37 -4.57
N 4BF A 20 0.63 -3.22 -6.00
C 4BF A 20 1.87 -3.36 -3.86
O 4BF A 20 2.08 -2.73 -2.82
N ALA A 21 2.82 -4.08 -4.45
CA ALA A 21 4.20 -4.11 -3.92
C ALA A 21 4.86 -2.72 -3.94
N LEU A 22 4.55 -1.93 -4.97
CA LEU A 22 5.06 -0.56 -5.02
C LEU A 22 4.46 0.31 -3.92
N LYS A 23 3.17 0.14 -3.64
CA LYS A 23 2.57 0.85 -2.51
C LYS A 23 3.23 0.47 -1.18
N GLU A 24 3.61 -0.80 -1.03
CA GLU A 24 4.30 -1.21 0.20
C GLU A 24 5.67 -0.56 0.30
N ILE A 25 6.36 -0.47 -0.84
CA ILE A 25 7.66 0.19 -0.87
C ILE A 25 7.50 1.67 -0.51
N GLY A 26 6.51 2.34 -1.09
CA GLY A 26 6.26 3.73 -0.75
C GLY A 26 5.91 3.95 0.71
N GLN A 27 5.06 3.08 1.27
CA GLN A 27 4.76 3.17 2.70
C GLN A 27 6.00 2.97 3.55
N ALA A 28 6.87 2.02 3.17
CA ALA A 28 8.09 1.78 3.93
C ALA A 28 9.07 2.97 3.82
N LEU A 29 9.09 3.67 2.69
CA LEU A 29 9.95 4.84 2.58
C LEU A 29 9.46 6.01 3.41
N LYS A 30 8.19 6.00 3.84
CA LYS A 30 7.69 7.03 4.74
C LYS A 30 8.09 6.77 6.18
N GLY A 31 7.92 5.54 6.65
CA GLY A 31 8.22 5.18 8.03
C GLY A 31 9.21 4.03 8.13
C ACE B 1 -0.61 -22.97 -27.92
O ACE B 1 0.35 -23.44 -28.54
CH3 ACE B 1 -1.09 -23.52 -26.61
N GLY B 2 -1.27 -21.91 -28.40
CA GLY B 2 -0.84 -21.34 -29.66
C GLY B 2 0.31 -20.36 -29.53
N GLU B 3 0.68 -19.75 -30.65
CA GLU B 3 1.80 -18.80 -30.65
C GLU B 3 1.55 -17.63 -29.69
N ILE B 4 0.42 -16.95 -29.83
CA ILE B 4 0.20 -15.74 -29.05
C ILE B 4 0.00 -16.07 -27.57
N GLY B 5 -0.78 -17.11 -27.30
CA GLY B 5 -1.00 -17.51 -25.91
C GLY B 5 0.28 -17.90 -25.19
N GLN B 6 1.14 -18.68 -25.85
CA GLN B 6 2.41 -19.01 -25.21
C GLN B 6 3.26 -17.77 -24.99
N ALA B 7 3.25 -16.83 -25.92
CA ALA B 7 4.00 -15.61 -25.72
C ALA B 7 3.44 -14.80 -24.55
N LEU B 8 2.11 -14.83 -24.37
CA LEU B 8 1.53 -14.10 -23.24
C LEU B 8 1.82 -14.79 -21.92
N LYS B 9 1.94 -16.13 -21.91
CA LYS B 9 2.32 -16.83 -20.69
C LYS B 9 3.74 -16.48 -20.27
N GLU B 10 4.66 -16.30 -21.23
CA GLU B 10 6.01 -15.90 -20.88
C GLU B 10 6.04 -14.47 -20.35
N ILE B 11 5.19 -13.59 -20.89
CA ILE B 11 5.11 -12.24 -20.34
C ILE B 11 4.57 -12.29 -18.92
N GLY B 12 3.55 -13.11 -18.67
CA GLY B 12 3.04 -13.27 -17.32
C GLY B 12 4.10 -13.77 -16.36
N LYS B 13 4.91 -14.74 -16.80
CA LYS B 13 6.02 -15.21 -15.99
C LYS B 13 7.02 -14.10 -15.68
N ALA B 14 7.38 -13.28 -16.67
CA ALA B 14 8.29 -12.18 -16.39
C ALA B 14 7.69 -11.19 -15.38
N LEU B 15 6.37 -10.96 -15.46
CA LEU B 15 5.74 -10.02 -14.53
C LEU B 15 5.76 -10.55 -13.10
N LYS B 16 5.49 -11.86 -12.92
CA LYS B 16 5.59 -12.45 -11.59
C LYS B 16 7.00 -12.30 -11.04
N GLU B 17 8.01 -12.45 -11.91
CA GLU B 17 9.40 -12.27 -11.48
C GLU B 17 9.67 -10.82 -11.07
N ILE B 18 9.10 -9.89 -11.81
CA ILE B 18 9.22 -8.48 -11.42
C ILE B 18 8.55 -8.25 -10.08
N GLY B 19 7.35 -8.79 -9.90
CA GLY B 19 6.65 -8.67 -8.63
C GLY B 19 7.46 -9.24 -7.48
CD1 4BF B 20 9.60 -13.18 -4.82
CE1 4BF B 20 10.30 -13.70 -3.74
CZ 4BF B 20 11.67 -13.92 -3.85
BR 4BF B 20 12.60 -14.63 -2.38
CE2 4BF B 20 12.36 -13.61 -5.02
CD2 4BF B 20 11.64 -13.07 -6.10
CG 4BF B 20 10.27 -12.86 -6.00
CB 4BF B 20 9.49 -12.31 -7.13
CA 4BF B 20 8.94 -10.96 -6.70
N 4BF B 20 8.08 -10.39 -7.71
C 4BF B 20 10.13 -10.07 -6.32
O 4BF B 20 10.50 -9.86 -5.16
N ALA B 21 10.76 -9.51 -7.33
CA ALA B 21 11.87 -8.58 -7.10
C ALA B 21 11.44 -7.36 -6.32
N LEU B 22 10.23 -6.85 -6.58
CA LEU B 22 9.75 -5.72 -5.80
C LEU B 22 9.50 -6.10 -4.34
N LYS B 23 9.05 -7.34 -4.05
CA LYS B 23 8.90 -7.76 -2.66
C LYS B 23 10.26 -7.81 -1.96
N GLU B 24 11.29 -8.27 -2.67
CA GLU B 24 12.65 -8.28 -2.12
C GLU B 24 13.11 -6.88 -1.81
N ILE B 25 12.88 -5.94 -2.73
CA ILE B 25 13.17 -4.54 -2.46
C ILE B 25 12.45 -4.09 -1.20
N GLY B 26 11.15 -4.39 -1.10
CA GLY B 26 10.41 -4.02 0.10
C GLY B 26 10.97 -4.66 1.36
N GLN B 27 11.38 -5.93 1.26
CA GLN B 27 12.03 -6.57 2.40
C GLN B 27 13.33 -5.86 2.77
N ALA B 28 14.16 -5.53 1.76
CA ALA B 28 15.39 -4.80 2.03
C ALA B 28 15.13 -3.49 2.76
N LEU B 29 14.19 -2.69 2.26
CA LEU B 29 13.87 -1.42 2.90
C LEU B 29 13.38 -1.61 4.33
N LYS B 30 12.83 -2.79 4.67
CA LYS B 30 12.41 -3.04 6.03
C LYS B 30 13.55 -3.42 6.95
N GLY B 31 14.75 -3.65 6.42
CA GLY B 31 15.91 -3.94 7.24
C GLY B 31 16.22 -5.42 7.36
C ACE C 1 6.38 -15.51 -36.67
O ACE C 1 6.96 -15.03 -37.66
CH3 ACE C 1 6.94 -16.65 -35.86
N GLY C 2 5.21 -15.07 -36.24
CA GLY C 2 4.49 -14.00 -36.90
C GLY C 2 4.80 -12.61 -36.40
N GLU C 3 4.13 -11.62 -37.00
CA GLU C 3 4.34 -10.24 -36.59
C GLU C 3 4.02 -10.05 -35.11
N ILE C 4 2.84 -10.53 -34.68
CA ILE C 4 2.41 -10.25 -33.32
C ILE C 4 3.21 -11.10 -32.33
N GLY C 5 3.39 -12.38 -32.65
CA GLY C 5 4.17 -13.25 -31.78
C GLY C 5 5.58 -12.74 -31.53
N GLN C 6 6.28 -12.30 -32.59
CA GLN C 6 7.64 -11.81 -32.38
C GLN C 6 7.65 -10.48 -31.60
N ALA C 7 6.66 -9.61 -31.84
CA ALA C 7 6.58 -8.39 -31.04
C ALA C 7 6.33 -8.70 -29.56
N LEU C 8 5.48 -9.69 -29.26
CA LEU C 8 5.32 -10.07 -27.86
C LEU C 8 6.60 -10.65 -27.28
N LYS C 9 7.37 -11.38 -28.10
CA LYS C 9 8.63 -11.94 -27.60
C LYS C 9 9.58 -10.84 -27.17
N GLU C 10 9.67 -9.75 -27.96
CA GLU C 10 10.55 -8.67 -27.57
C GLU C 10 10.05 -7.99 -26.29
N ILE C 11 8.73 -7.89 -26.11
CA ILE C 11 8.20 -7.35 -24.86
C ILE C 11 8.59 -8.25 -23.70
N GLY C 12 8.51 -9.57 -23.90
CA GLY C 12 8.95 -10.51 -22.89
C GLY C 12 10.41 -10.30 -22.49
N LYS C 13 11.28 -10.11 -23.47
CA LYS C 13 12.70 -9.83 -23.17
C LYS C 13 12.87 -8.53 -22.38
N ALA C 14 12.21 -7.45 -22.82
CA ALA C 14 12.33 -6.19 -22.09
C ALA C 14 11.86 -6.34 -20.63
N LEU C 15 10.81 -7.11 -20.42
CA LEU C 15 10.33 -7.34 -19.05
C LEU C 15 11.32 -8.15 -18.23
N LYS C 16 11.98 -9.16 -18.83
CA LYS C 16 13.01 -9.89 -18.10
C LYS C 16 14.17 -8.98 -17.73
N GLU C 17 14.53 -8.06 -18.62
CA GLU C 17 15.59 -7.10 -18.31
C GLU C 17 15.17 -6.17 -17.18
N ILE C 18 13.90 -5.76 -17.16
CA ILE C 18 13.41 -4.96 -16.04
C ILE C 18 13.53 -5.73 -14.73
N GLY C 19 13.18 -7.00 -14.75
CA GLY C 19 13.35 -7.86 -13.58
C GLY C 19 14.78 -7.96 -13.07
CD1 4BF C 20 17.45 -10.76 -15.24
CE1 4BF C 20 17.31 -11.83 -16.14
CZ 4BF C 20 17.66 -11.68 -17.48
BR 4BF C 20 17.46 -13.10 -18.69
CE2 4BF C 20 18.16 -10.45 -17.94
CD2 4BF C 20 18.31 -9.40 -17.06
CG 4BF C 20 17.96 -9.53 -15.71
CB 4BF C 20 18.14 -8.37 -14.80
CA 4BF C 20 17.13 -8.19 -13.65
N 4BF C 20 15.72 -8.19 -13.99
C 4BF C 20 17.61 -6.89 -12.98
O 4BF C 20 18.33 -6.88 -11.99
N ALA C 21 17.20 -5.76 -13.56
CA ALA C 21 17.56 -4.47 -12.98
C ALA C 21 16.96 -4.27 -11.58
N LEU C 22 15.72 -4.73 -11.36
CA LEU C 22 15.13 -4.61 -10.02
C LEU C 22 15.85 -5.53 -9.04
N LYS C 23 16.25 -6.71 -9.51
CA LYS C 23 17.04 -7.62 -8.69
C LYS C 23 18.33 -6.95 -8.23
N GLU C 24 19.01 -6.24 -9.14
CA GLU C 24 20.24 -5.55 -8.74
C GLU C 24 19.95 -4.43 -7.75
N ILE C 25 18.88 -3.66 -7.97
CA ILE C 25 18.50 -2.62 -7.02
C ILE C 25 18.26 -3.19 -5.63
N GLY C 26 17.56 -4.32 -5.56
CA GLY C 26 17.30 -4.93 -4.26
C GLY C 26 18.57 -5.38 -3.59
N GLN C 27 19.51 -5.92 -4.38
CA GLN C 27 20.78 -6.36 -3.82
C GLN C 27 21.61 -5.17 -3.35
N ALA C 28 21.54 -4.05 -4.07
CA ALA C 28 22.29 -2.86 -3.65
C ALA C 28 21.69 -2.26 -2.38
N LEU C 29 20.37 -2.28 -2.24
CA LEU C 29 19.76 -1.80 -1.01
C LEU C 29 20.07 -2.74 0.15
N LYS C 30 20.03 -4.05 -0.10
CA LYS C 30 20.32 -5.02 0.95
C LYS C 30 21.74 -4.83 1.48
N GLY C 31 22.71 -4.66 0.59
CA GLY C 31 24.10 -4.47 0.99
C GLY C 31 24.51 -3.02 0.95
C ACE D 1 2.26 -3.06 -39.98
O ACE D 1 1.86 -2.04 -40.54
CH3 ACE D 1 3.69 -3.51 -40.14
N GLY D 2 1.45 -3.82 -39.23
CA GLY D 2 0.05 -3.47 -39.04
C GLY D 2 -0.28 -2.65 -37.80
N GLU D 3 -1.57 -2.37 -37.60
CA GLU D 3 -1.97 -1.55 -36.45
C GLU D 3 -1.47 -2.15 -35.14
N ILE D 4 -1.77 -3.42 -34.91
CA ILE D 4 -1.45 -4.05 -33.61
C ILE D 4 0.06 -4.23 -33.47
N GLY D 5 0.71 -4.75 -34.52
CA GLY D 5 2.15 -5.00 -34.45
C GLY D 5 2.96 -3.75 -34.18
N GLN D 6 2.63 -2.65 -34.87
CA GLN D 6 3.31 -1.39 -34.61
C GLN D 6 3.02 -0.86 -33.21
N ALA D 7 1.78 -1.00 -32.73
CA ALA D 7 1.49 -0.60 -31.36
C ALA D 7 2.25 -1.44 -30.35
N LEU D 8 2.40 -2.75 -30.61
CA LEU D 8 3.22 -3.56 -29.72
C LEU D 8 4.69 -3.17 -29.80
N LYS D 9 5.16 -2.71 -30.96
CA LYS D 9 6.54 -2.26 -31.05
C LYS D 9 6.78 -1.02 -30.19
N GLU D 10 5.84 -0.05 -30.22
CA GLU D 10 5.95 1.12 -29.35
C GLU D 10 5.92 0.75 -27.87
N ILE D 11 5.11 -0.24 -27.51
CA ILE D 11 5.11 -0.68 -26.12
C ILE D 11 6.46 -1.28 -25.77
N GLY D 12 7.03 -2.08 -26.68
CA GLY D 12 8.37 -2.60 -26.47
C GLY D 12 9.43 -1.53 -26.29
N LYS D 13 9.36 -0.45 -27.06
CA LYS D 13 10.32 0.62 -26.86
C LYS D 13 10.15 1.28 -25.50
N ALA D 14 8.91 1.44 -25.05
CA ALA D 14 8.68 2.09 -23.75
C ALA D 14 9.25 1.25 -22.62
N LEU D 15 9.14 -0.08 -22.73
CA LEU D 15 9.71 -0.96 -21.71
C LEU D 15 11.24 -0.93 -21.72
N LYS D 16 11.85 -0.82 -22.90
CA LYS D 16 13.30 -0.65 -22.97
C LYS D 16 13.73 0.60 -22.21
N GLU D 17 12.98 1.69 -22.34
CA GLU D 17 13.34 2.91 -21.64
C GLU D 17 13.19 2.75 -20.14
N ILE D 18 12.12 2.09 -19.70
CA ILE D 18 11.90 1.81 -18.29
C ILE D 18 13.05 0.98 -17.72
N GLY D 19 13.46 -0.06 -18.44
CA GLY D 19 14.59 -0.89 -18.06
C GLY D 19 15.87 -0.08 -17.92
CD1 4BF D 20 19.34 4.26 -19.74
CE1 4BF D 20 20.69 4.66 -19.76
CZ 4BF D 20 21.70 3.78 -20.17
BR 4BF D 20 23.52 4.34 -20.21
CE2 4BF D 20 21.33 2.49 -20.58
CD2 4BF D 20 19.98 2.09 -20.56
CG 4BF D 20 18.96 2.96 -20.14
CB 4BF D 20 17.54 2.53 -20.10
CA 4BF D 20 17.26 1.68 -18.81
N 4BF D 20 16.12 0.81 -18.88
C 4BF D 20 17.24 2.60 -17.59
O 4BF D 20 18.24 2.77 -16.89
N ALA D 21 16.08 3.20 -17.32
CA ALA D 21 15.94 4.09 -16.13
C ALA D 21 16.20 3.35 -14.84
N LEU D 22 15.78 2.08 -14.79
CA LEU D 22 16.04 1.27 -13.59
C LEU D 22 17.52 0.95 -13.44
N LYS D 23 18.20 0.64 -14.55
CA LYS D 23 19.66 0.47 -14.49
C LYS D 23 20.34 1.73 -14.01
N GLU D 24 19.86 2.91 -14.45
CA GLU D 24 20.42 4.15 -13.96
C GLU D 24 20.22 4.27 -12.45
N ILE D 25 19.03 3.93 -11.97
CA ILE D 25 18.77 4.01 -10.53
C ILE D 25 19.68 3.07 -9.76
N GLY D 26 19.88 1.85 -10.27
CA GLY D 26 20.74 0.91 -9.59
C GLY D 26 22.19 1.33 -9.61
N GLN D 27 22.63 1.93 -10.71
CA GLN D 27 24.00 2.43 -10.79
C GLN D 27 24.20 3.57 -9.80
N ALA D 28 23.21 4.45 -9.67
CA ALA D 28 23.29 5.51 -8.68
C ALA D 28 23.39 4.93 -7.27
N LEU D 29 22.53 3.96 -6.95
CA LEU D 29 22.56 3.34 -5.63
C LEU D 29 23.88 2.65 -5.33
N LYS D 30 24.62 2.23 -6.37
CA LYS D 30 25.94 1.63 -6.15
C LYS D 30 27.01 2.70 -5.98
N GLY D 31 26.86 3.83 -6.66
CA GLY D 31 27.80 4.93 -6.51
C GLY D 31 27.50 5.78 -5.29
C ACE E 1 -9.17 2.22 -34.48
O ACE E 1 -10.31 2.62 -34.27
CH3 ACE E 1 -8.07 3.12 -35.01
N GLY E 2 -8.82 0.95 -34.25
CA GLY E 2 -9.80 0.00 -33.74
C GLY E 2 -9.76 -0.20 -32.25
N GLU E 3 -10.60 -1.12 -31.77
CA GLU E 3 -10.72 -1.32 -30.32
C GLU E 3 -9.41 -1.76 -29.70
N ILE E 4 -8.74 -2.75 -30.32
CA ILE E 4 -7.54 -3.28 -29.69
C ILE E 4 -6.41 -2.27 -29.83
N GLY E 5 -6.25 -1.68 -31.02
CA GLY E 5 -5.17 -0.72 -31.20
C GLY E 5 -5.27 0.46 -30.26
N GLN E 6 -6.49 0.99 -30.05
CA GLN E 6 -6.67 2.11 -29.13
C GLN E 6 -6.37 1.71 -27.69
N ALA E 7 -6.75 0.50 -27.28
CA ALA E 7 -6.37 0.04 -25.95
C ALA E 7 -4.85 -0.13 -25.83
N LEU E 8 -4.17 -0.55 -26.89
CA LEU E 8 -2.72 -0.64 -26.81
C LEU E 8 -2.08 0.74 -26.74
N LYS E 9 -2.62 1.71 -27.49
CA LYS E 9 -2.10 3.07 -27.38
C LYS E 9 -2.24 3.61 -25.95
N GLU E 10 -3.36 3.31 -25.29
CA GLU E 10 -3.51 3.75 -23.91
C GLU E 10 -2.51 3.05 -22.99
N ILE E 11 -2.20 1.78 -23.27
CA ILE E 11 -1.18 1.10 -22.48
C ILE E 11 0.19 1.73 -22.69
N GLY E 12 0.52 2.06 -23.94
CA GLY E 12 1.75 2.79 -24.20
C GLY E 12 1.78 4.13 -23.47
N LYS E 13 0.65 4.82 -23.43
CA LYS E 13 0.60 6.08 -22.70
C LYS E 13 0.85 5.86 -21.20
N ALA E 14 0.27 4.82 -20.63
CA ALA E 14 0.60 4.52 -19.23
C ALA E 14 2.07 4.20 -19.06
N LEU E 15 2.68 3.50 -20.02
CA LEU E 15 4.10 3.19 -19.87
C LEU E 15 4.95 4.47 -19.95
N LYS E 16 4.55 5.45 -20.76
CA LYS E 16 5.31 6.70 -20.78
C LYS E 16 5.28 7.41 -19.43
N GLU E 17 4.13 7.39 -18.74
CA GLU E 17 4.10 8.04 -17.43
C GLU E 17 4.92 7.27 -16.39
N ILE E 18 4.96 5.94 -16.50
CA ILE E 18 5.81 5.18 -15.60
C ILE E 18 7.28 5.53 -15.85
N GLY E 19 7.69 5.63 -17.11
CA GLY E 19 9.04 6.03 -17.43
C GLY E 19 9.38 7.41 -16.86
CD1 4BF E 20 8.19 12.83 -16.49
CE1 4BF E 20 8.12 14.04 -15.81
CZ 4BF E 20 7.19 14.20 -14.78
BR 4BF E 20 7.10 15.85 -13.87
CE2 4BF E 20 6.34 13.14 -14.42
CD2 4BF E 20 6.41 11.93 -15.11
CG 4BF E 20 7.34 11.78 -16.13
CB 4BF E 20 7.42 10.49 -16.87
CA 4BF E 20 8.61 9.62 -16.44
N 4BF E 20 8.42 8.31 -16.98
C 4BF E 20 8.80 9.66 -14.92
O 4BF E 20 9.64 10.34 -14.35
N ALA E 21 7.97 8.86 -14.24
CA ALA E 21 8.04 8.79 -12.76
C ALA E 21 9.37 8.19 -12.30
N LEU E 22 9.86 7.20 -13.08
CA LEU E 22 11.14 6.58 -12.78
C LEU E 22 12.29 7.57 -12.94
N LYS E 23 12.21 8.43 -13.94
CA LYS E 23 13.25 9.43 -14.08
C LYS E 23 13.20 10.45 -12.94
N GLU E 24 12.01 10.77 -12.45
CA GLU E 24 11.94 11.63 -11.26
C GLU E 24 12.50 10.92 -10.03
N ILE E 25 12.29 9.60 -9.93
CA ILE E 25 12.85 8.86 -8.82
C ILE E 25 14.37 8.89 -8.88
N GLY E 26 14.93 8.66 -10.07
CA GLY E 26 16.36 8.75 -10.25
C GLY E 26 16.93 10.08 -9.78
N GLN E 27 16.25 11.19 -10.13
CA GLN E 27 16.78 12.49 -9.73
C GLN E 27 16.52 12.79 -8.26
N ALA E 28 15.47 12.21 -7.68
CA ALA E 28 15.25 12.32 -6.24
C ALA E 28 16.37 11.66 -5.46
N LEU E 29 16.94 10.57 -5.99
CA LEU E 29 18.06 9.89 -5.37
C LEU E 29 19.34 10.69 -5.46
N LYS E 30 19.36 11.77 -6.23
CA LYS E 30 20.53 12.65 -6.31
C LYS E 30 20.39 13.84 -5.38
C ACE F 1 -16.20 -5.33 -25.60
O ACE F 1 -16.89 -6.01 -24.83
CH3 ACE F 1 -16.35 -3.83 -25.68
N GLY F 2 -15.29 -5.87 -26.36
CA GLY F 2 -15.06 -7.31 -26.38
C GLY F 2 -14.21 -7.90 -25.28
N GLU F 3 -13.99 -9.21 -25.34
CA GLU F 3 -13.20 -9.87 -24.31
C GLU F 3 -11.81 -9.27 -24.24
N ILE F 4 -11.13 -9.17 -25.38
CA ILE F 4 -9.74 -8.75 -25.38
C ILE F 4 -9.65 -7.26 -25.07
N GLY F 5 -10.51 -6.45 -25.70
CA GLY F 5 -10.51 -5.02 -25.42
C GLY F 5 -10.67 -4.71 -23.95
N GLN F 6 -11.61 -5.38 -23.28
CA GLN F 6 -11.82 -5.10 -21.86
C GLN F 6 -10.67 -5.60 -21.02
N ALA F 7 -10.08 -6.75 -21.38
CA ALA F 7 -8.89 -7.20 -20.67
C ALA F 7 -7.75 -6.20 -20.82
N LEU F 8 -7.56 -5.66 -22.02
CA LEU F 8 -6.48 -4.69 -22.19
C LEU F 8 -6.78 -3.38 -21.46
N LYS F 9 -8.05 -3.01 -21.36
CA LYS F 9 -8.39 -1.82 -20.59
C LYS F 9 -8.09 -2.03 -19.11
N GLU F 10 -8.35 -3.24 -18.57
CA GLU F 10 -7.94 -3.48 -17.18
C GLU F 10 -6.42 -3.45 -17.02
N ILE F 11 -5.68 -3.91 -18.02
CA ILE F 11 -4.23 -3.81 -17.95
C ILE F 11 -3.79 -2.36 -17.95
N GLY F 12 -4.37 -1.52 -18.83
CA GLY F 12 -4.02 -0.11 -18.79
C GLY F 12 -4.32 0.51 -17.44
N LYS F 13 -5.45 0.12 -16.84
CA LYS F 13 -5.86 0.61 -15.52
C LYS F 13 -4.82 0.28 -14.46
N ALA F 14 -4.35 -0.97 -14.43
CA ALA F 14 -3.33 -1.38 -13.46
C ALA F 14 -2.03 -0.63 -13.68
N LEU F 15 -1.68 -0.37 -14.94
CA LEU F 15 -0.46 0.39 -15.24
C LEU F 15 -0.56 1.83 -14.76
N LYS F 16 -1.74 2.44 -14.91
CA LYS F 16 -1.92 3.78 -14.38
C LYS F 16 -1.77 3.79 -12.86
N GLU F 17 -2.26 2.74 -12.20
CA GLU F 17 -2.07 2.63 -10.75
C GLU F 17 -0.59 2.48 -10.41
N ILE F 18 0.15 1.71 -11.21
CA ILE F 18 1.59 1.59 -11.01
C ILE F 18 2.27 2.97 -11.15
N GLY F 19 1.84 3.76 -12.12
CA GLY F 19 2.37 5.10 -12.28
C GLY F 19 2.20 5.96 -11.03
CD1 4BF F 20 -1.61 8.86 -9.46
CD1 4BF F 20 -2.30 7.48 -10.24
CE1 4BF F 20 -2.49 9.67 -10.19
CE1 4BF F 20 -3.52 7.17 -10.82
CZ 4BF F 20 -3.48 9.08 -10.99
CZ 4BF F 20 -4.29 6.11 -10.32
BR 4BF F 20 -4.66 10.18 -11.95
BR 4BF F 20 -5.92 5.70 -11.09
CE2 4BF F 20 -3.58 7.69 -11.07
CE2 4BF F 20 -3.82 5.35 -9.24
CD2 4BF F 20 -2.71 6.89 -10.34
CD2 4BF F 20 -2.59 5.66 -8.65
CG 4BF F 20 -1.71 7.47 -9.54
CG 4BF F 20 -1.82 6.71 -9.16
CB 4BF F 20 -0.76 6.62 -8.76
CB 4BF F 20 -0.53 7.07 -8.53
CA 4BF F 20 0.71 6.74 -9.25
CA 4BF F 20 0.80 6.82 -9.27
N 4BF F 20 0.97 6.04 -10.48
C 4BF F 20 1.57 6.28 -8.08
O 4BF F 20 2.04 7.02 -7.23
N ALA F 21 1.72 4.97 -7.99
CA ALA F 21 2.49 4.40 -6.88
C ALA F 21 3.94 4.85 -6.97
N LEU F 22 4.48 4.93 -8.20
CA LEU F 22 5.85 5.41 -8.37
C LEU F 22 5.98 6.89 -8.04
N LYS F 23 4.94 7.69 -8.36
CA LYS F 23 4.93 9.10 -7.95
C LYS F 23 5.04 9.21 -6.44
N GLU F 24 4.28 8.39 -5.72
CA GLU F 24 4.30 8.47 -4.26
C GLU F 24 5.64 8.02 -3.69
N ILE F 25 6.30 7.03 -4.32
CA ILE F 25 7.66 6.69 -3.95
C ILE F 25 8.59 7.88 -4.18
N GLY F 26 8.51 8.49 -5.36
CA GLY F 26 9.31 9.68 -5.63
C GLY F 26 9.11 10.76 -4.58
N GLN F 27 7.86 10.95 -4.13
CA GLN F 27 7.62 11.96 -3.12
C GLN F 27 8.20 11.55 -1.76
N ALA F 28 8.01 10.29 -1.37
CA ALA F 28 8.59 9.82 -0.12
C ALA F 28 10.11 9.97 -0.13
N LEU F 29 10.73 9.80 -1.29
CA LEU F 29 12.19 9.90 -1.40
C LEU F 29 12.67 11.33 -1.17
N LYS F 30 12.17 12.29 -1.94
CA LYS F 30 12.61 13.67 -1.70
C LYS F 30 12.02 14.23 -0.42
N GLY F 31 10.81 13.83 -0.07
CA GLY F 31 10.19 14.28 1.17
C GLY F 31 10.76 13.57 2.38
N GLU G 3 12.10 6.94 27.79
CA GLU G 3 11.35 5.70 27.98
C GLU G 3 9.84 5.92 27.82
N ILE G 4 9.33 6.97 28.44
CA ILE G 4 7.96 7.37 28.17
C ILE G 4 7.83 7.76 26.70
N GLY G 5 8.79 8.53 26.18
CA GLY G 5 8.77 8.88 24.78
C GLY G 5 9.03 7.70 23.87
N GLN G 6 9.71 6.68 24.40
CA GLN G 6 9.87 5.41 23.69
C GLN G 6 8.52 4.75 23.41
N ALA G 7 7.67 4.61 24.43
CA ALA G 7 6.35 4.03 24.24
C ALA G 7 5.50 4.88 23.29
N LEU G 8 5.57 6.20 23.40
CA LEU G 8 4.77 7.03 22.51
C LEU G 8 5.18 6.84 21.06
N LYS G 9 6.49 6.74 20.82
CA LYS G 9 6.98 6.60 19.44
C LYS G 9 6.53 5.28 18.83
N GLU G 10 6.48 4.21 19.63
CA GLU G 10 5.99 2.93 19.13
C GLU G 10 4.49 2.96 18.89
N ILE G 11 3.74 3.67 19.74
CA ILE G 11 2.31 3.84 19.48
C ILE G 11 2.09 4.58 18.17
N GLY G 12 2.87 5.63 17.93
CA GLY G 12 2.81 6.33 16.67
C GLY G 12 3.11 5.42 15.49
N LYS G 13 4.13 4.57 15.63
CA LYS G 13 4.42 3.57 14.60
C LYS G 13 3.20 2.69 14.32
N ALA G 14 2.58 2.15 15.37
CA ALA G 14 1.43 1.27 15.14
C ALA G 14 0.26 2.02 14.50
N LEU G 15 0.01 3.26 14.94
CA LEU G 15 -1.10 4.01 14.37
C LEU G 15 -0.86 4.31 12.90
N LYS G 16 0.38 4.57 12.51
CA LYS G 16 0.69 4.77 11.10
C LYS G 16 0.39 3.52 10.28
N GLU G 17 0.81 2.34 10.78
CA GLU G 17 0.48 1.12 10.05
C GLU G 17 -1.03 0.89 9.97
N ILE G 18 -1.76 1.19 11.06
CA ILE G 18 -3.22 1.05 11.06
C ILE G 18 -3.84 1.96 10.00
N GLY G 19 -3.42 3.23 9.96
CA GLY G 19 -3.96 4.14 8.98
C GLY G 19 -3.71 3.65 7.57
CD1 4BF G 20 -0.14 0.05 4.75
CE1 4BF G 20 0.12 -0.65 3.58
CZ 4BF G 20 0.07 0.03 2.35
BR 4BF G 20 0.41 -0.91 0.75
CE2 4BF G 20 -0.23 1.39 2.29
CD2 4BF G 20 -0.48 2.09 3.47
CG 4BF G 20 -0.44 1.42 4.71
CB 4BF G 20 -0.71 2.14 5.97
CA 4BF G 20 -2.19 2.59 6.04
N 4BF G 20 -2.51 3.14 7.33
C 4BF G 20 -3.14 1.44 5.64
O 4BF G 20 -3.68 1.38 4.53
N ALA G 21 -3.40 0.53 6.58
CA ALA G 21 -4.28 -0.60 6.28
C ALA G 21 -5.71 -0.15 6.02
N LEU G 22 -6.18 0.84 6.80
CA LEU G 22 -7.53 1.36 6.62
C LEU G 22 -7.66 2.06 5.27
N LYS G 23 -6.62 2.79 4.87
CA LYS G 23 -6.62 3.44 3.57
C LYS G 23 -6.73 2.42 2.46
N GLU G 24 -5.98 1.33 2.56
CA GLU G 24 -6.05 0.31 1.52
C GLU G 24 -7.40 -0.40 1.52
N ILE G 25 -7.95 -0.70 2.70
CA ILE G 25 -9.28 -1.29 2.78
C ILE G 25 -10.33 -0.37 2.16
N GLY G 26 -10.28 0.93 2.52
CA GLY G 26 -11.22 1.87 1.95
C GLY G 26 -11.13 1.91 0.43
N GLN G 27 -9.91 1.87 -0.10
CA GLN G 27 -9.74 1.88 -1.54
C GLN G 27 -10.33 0.63 -2.17
N ALA G 28 -10.11 -0.54 -1.55
CA ALA G 28 -10.67 -1.77 -2.10
C ALA G 28 -12.19 -1.76 -2.03
N LEU G 29 -12.77 -1.16 -0.99
CA LEU G 29 -14.22 -1.11 -0.93
C LEU G 29 -14.78 -0.13 -1.97
N LYS G 30 -14.06 0.97 -2.26
CA LYS G 30 -14.52 1.91 -3.28
C LYS G 30 -14.58 1.25 -4.64
N GLY G 31 -13.56 0.46 -4.98
CA GLY G 31 -13.46 -0.18 -6.27
C GLY G 31 -14.45 -1.32 -6.44
N GLY H 2 10.76 18.50 22.63
CA GLY H 2 11.18 17.27 23.30
C GLY H 2 10.52 16.07 22.68
N GLU H 3 10.92 14.87 23.10
CA GLU H 3 10.31 13.66 22.55
C GLU H 3 8.82 13.64 22.83
N ILE H 4 8.44 13.82 24.11
CA ILE H 4 7.04 13.67 24.50
C ILE H 4 6.15 14.54 23.61
N GLY H 5 6.53 15.81 23.44
CA GLY H 5 5.77 16.69 22.57
C GLY H 5 5.83 16.29 21.11
N GLN H 6 7.02 15.92 20.63
CA GLN H 6 7.11 15.51 19.23
C GLN H 6 6.40 14.19 18.99
N ALA H 7 6.42 13.28 19.98
CA ALA H 7 5.78 11.99 19.81
C ALA H 7 4.26 12.10 19.87
N LEU H 8 3.74 12.96 20.76
CA LEU H 8 2.30 13.19 20.79
C LEU H 8 1.82 13.90 19.54
N LYS H 9 2.65 14.79 18.98
CA LYS H 9 2.34 15.43 17.71
C LYS H 9 2.16 14.39 16.61
N GLU H 10 3.01 13.36 16.61
CA GLU H 10 2.92 12.33 15.60
C GLU H 10 1.69 11.45 15.81
N ILE H 11 1.33 11.22 17.08
CA ILE H 11 0.12 10.47 17.38
C ILE H 11 -1.11 11.23 16.91
N GLY H 12 -1.14 12.55 17.14
CA GLY H 12 -2.25 13.35 16.63
C GLY H 12 -2.42 13.24 15.12
N LYS H 13 -1.32 13.39 14.37
CA LYS H 13 -1.45 13.28 12.93
C LYS H 13 -1.84 11.87 12.48
N ALA H 14 -1.34 10.83 13.16
CA ALA H 14 -1.75 9.48 12.76
C ALA H 14 -3.22 9.26 13.07
N LEU H 15 -3.71 9.81 14.18
CA LEU H 15 -5.13 9.65 14.48
C LEU H 15 -5.97 10.37 13.44
N LYS H 16 -5.52 11.56 13.00
CA LYS H 16 -6.25 12.27 11.96
C LYS H 16 -6.38 11.42 10.71
N GLU H 17 -5.29 10.75 10.29
CA GLU H 17 -5.38 9.93 9.10
C GLU H 17 -6.28 8.72 9.34
N ILE H 18 -6.33 8.22 10.56
CA ILE H 18 -7.21 7.09 10.84
C ILE H 18 -8.66 7.53 10.71
N GLY H 19 -8.99 8.71 11.24
CA GLY H 19 -10.33 9.26 11.09
C GLY H 19 -10.78 9.42 9.65
CD1 4BF H 20 -10.20 12.08 4.88
CE1 4BF H 20 -10.50 12.32 3.54
CZ 4BF H 20 -9.93 11.53 2.54
BR 4BF H 20 -10.35 11.89 0.75
CE2 4BF H 20 -9.05 10.49 2.89
CD2 4BF H 20 -8.76 10.25 4.23
CG 4BF H 20 -9.34 11.03 5.23
CB 4BF H 20 -9.03 10.81 6.67
CA 4BF H 20 -10.18 10.12 7.42
N 4BF H 20 -9.90 9.99 8.83
C 4BF H 20 -10.45 8.79 6.74
O 4BF H 20 -11.40 8.58 5.98
N ALA H 21 -9.56 7.83 7.05
CA ALA H 21 -9.67 6.50 6.42
C ALA H 21 -10.93 5.76 6.88
N LEU H 22 -11.28 5.88 8.16
CA LEU H 22 -12.50 5.26 8.65
C LEU H 22 -13.72 5.87 7.96
N LYS H 23 -13.72 7.19 7.79
CA LYS H 23 -14.83 7.86 7.09
C LYS H 23 -15.00 7.32 5.66
N GLU H 24 -13.90 7.25 4.88
CA GLU H 24 -13.97 6.67 3.53
C GLU H 24 -14.56 5.26 3.56
N ILE H 25 -14.08 4.41 4.48
CA ILE H 25 -14.63 3.07 4.62
C ILE H 25 -16.15 3.13 4.84
N GLY H 26 -16.60 3.94 5.78
CA GLY H 26 -18.03 4.01 6.06
C GLY H 26 -18.85 4.48 4.87
N GLN H 27 -18.35 5.49 4.15
CA GLN H 27 -19.04 5.94 2.96
C GLN H 27 -18.97 4.92 1.85
N ALA H 28 -17.84 4.20 1.73
CA ALA H 28 -17.79 3.13 0.73
C ALA H 28 -18.78 2.00 1.06
N LEU H 29 -18.97 1.70 2.35
CA LEU H 29 -19.91 0.64 2.69
C LEU H 29 -21.36 1.05 2.42
N LYS H 30 -21.67 2.35 2.50
CA LYS H 30 -23.01 2.77 2.13
C LYS H 30 -23.28 2.62 0.64
N GLY H 31 -22.26 2.36 -0.17
CA GLY H 31 -22.47 2.15 -1.60
C GLY H 31 -22.76 0.71 -1.96
N GLY I 2 2.28 25.83 25.18
CA GLY I 2 3.45 24.99 24.99
C GLY I 2 3.20 23.96 23.92
N GLU I 3 4.26 23.28 23.46
CA GLU I 3 4.08 22.36 22.35
C GLU I 3 3.37 21.07 22.79
N ILE I 4 3.53 20.68 24.05
CA ILE I 4 2.75 19.56 24.57
C ILE I 4 1.28 19.94 24.64
N GLY I 5 1.00 21.20 25.00
CA GLY I 5 -0.37 21.65 25.07
C GLY I 5 -1.05 21.69 23.72
N GLN I 6 -0.34 22.13 22.68
CA GLN I 6 -0.92 22.09 21.34
C GLN I 6 -1.12 20.66 20.87
N ALA I 7 -0.15 19.78 21.15
CA ALA I 7 -0.26 18.41 20.67
C ALA I 7 -1.47 17.71 21.28
N LEU I 8 -1.77 18.00 22.55
CA LEU I 8 -2.95 17.43 23.17
C LEU I 8 -4.22 18.04 22.58
N LYS I 9 -4.15 19.30 22.13
CA LYS I 9 -5.30 19.89 21.44
C LYS I 9 -5.55 19.19 20.12
N GLU I 10 -4.50 18.96 19.32
CA GLU I 10 -4.72 18.30 18.02
C GLU I 10 -5.17 16.85 18.19
N ILE I 11 -4.76 16.18 19.26
CA ILE I 11 -5.26 14.84 19.55
C ILE I 11 -6.76 14.89 19.82
N GLY I 12 -7.20 15.83 20.64
CA GLY I 12 -8.62 15.95 20.94
C GLY I 12 -9.44 16.22 19.71
N LYS I 13 -8.89 17.00 18.76
CA LYS I 13 -9.58 17.21 17.50
C LYS I 13 -9.63 15.94 16.68
N ALA I 14 -8.52 15.21 16.64
CA ALA I 14 -8.51 13.96 15.88
C ALA I 14 -9.50 12.96 16.47
N LEU I 15 -9.58 12.88 17.79
CA LEU I 15 -10.54 12.00 18.45
C LEU I 15 -11.98 12.34 18.09
N LYS I 16 -12.32 13.64 18.05
CA LYS I 16 -13.67 14.01 17.63
C LYS I 16 -13.94 13.55 16.20
N GLU I 17 -12.97 13.73 15.30
CA GLU I 17 -13.16 13.28 13.93
C GLU I 17 -13.30 11.77 13.83
N ILE I 18 -12.52 11.03 14.64
CA ILE I 18 -12.73 9.58 14.69
C ILE I 18 -14.15 9.26 15.11
N GLY I 19 -14.67 9.98 16.11
CA GLY I 19 -16.05 9.79 16.52
C GLY I 19 -17.07 9.99 15.41
CD1 4BF I 20 -18.55 13.97 14.39
CE1 4BF I 20 -18.52 15.16 15.14
CZ 4BF I 20 -17.47 16.07 14.93
BR 4BF I 20 -17.35 17.68 15.89
CE2 4BF I 20 -16.49 15.81 13.98
CD2 4BF I 20 -16.53 14.64 13.25
CG 4BF I 20 -17.55 13.70 13.45
CB 4BF I 20 -17.56 12.48 12.62
CA 4BF I 20 -17.79 11.22 13.47
N 4BF I 20 -16.91 11.04 14.60
C 4BF I 20 -17.69 10.08 12.47
O 4BF I 20 -18.68 9.63 11.89
N ALA I 21 -16.47 9.60 12.26
CA ALA I 21 -16.26 8.54 11.28
C ALA I 21 -16.86 7.22 11.76
N LEU I 22 -16.74 6.95 13.06
CA LEU I 22 -17.34 5.72 13.60
C LEU I 22 -18.86 5.73 13.46
N LYS I 23 -19.48 6.91 13.58
CA LYS I 23 -20.91 7.02 13.32
C LYS I 23 -21.24 6.70 11.88
N GLU I 24 -20.37 7.11 10.95
CA GLU I 24 -20.62 6.81 9.53
C GLU I 24 -20.66 5.30 9.30
N ILE I 25 -19.74 4.57 9.92
CA ILE I 25 -19.70 3.12 9.81
C ILE I 25 -20.92 2.50 10.46
N GLY I 26 -21.30 3.00 11.65
CA GLY I 26 -22.55 2.56 12.26
C GLY I 26 -23.73 2.72 11.34
N GLN I 27 -23.83 3.90 10.70
CA GLN I 27 -24.94 4.12 9.79
C GLN I 27 -24.90 3.14 8.62
N ALA I 28 -23.69 2.80 8.15
CA ALA I 28 -23.57 1.92 6.99
C ALA I 28 -23.96 0.48 7.33
N LEU I 29 -23.60 0.02 8.53
CA LEU I 29 -23.81 -1.38 8.90
C LEU I 29 -25.18 -1.66 9.46
N LYS I 30 -25.87 -0.67 10.03
CA LYS I 30 -27.17 -0.87 10.65
CA LYS I 30 -27.19 -0.85 10.63
C LYS I 30 -28.15 -1.62 9.74
N GLY I 31 -28.65 -0.96 8.69
CA GLY I 31 -29.63 -1.57 7.81
C GLY I 31 -29.42 -1.28 6.33
C ACE J 1 -0.29 12.82 33.81
O ACE J 1 -0.90 11.81 34.14
CH3 ACE J 1 1.05 12.79 33.14
N GLY J 2 -0.72 14.05 34.04
CA GLY J 2 -2.01 14.33 34.65
C GLY J 2 -2.88 14.52 33.44
N GLU J 3 -2.64 15.62 32.74
CA GLU J 3 -3.31 15.86 31.45
C GLU J 3 -2.87 14.85 30.40
N ILE J 4 -1.58 14.48 30.42
CA ILE J 4 -1.11 13.49 29.44
C ILE J 4 -1.76 12.14 29.70
N GLY J 5 -1.75 11.69 30.95
CA GLY J 5 -2.38 10.43 31.28
C GLY J 5 -3.85 10.41 30.89
N GLN J 6 -4.55 11.51 31.14
CA GLN J 6 -5.96 11.61 30.79
C GLN J 6 -6.15 11.54 29.28
N ALA J 7 -5.29 12.20 28.51
CA ALA J 7 -5.42 12.11 27.06
C ALA J 7 -5.11 10.69 26.57
N LEU J 8 -4.13 10.03 27.18
CA LEU J 8 -3.86 8.65 26.82
C LEU J 8 -5.04 7.74 27.15
N LYS J 9 -5.72 8.00 28.25
CA LYS J 9 -6.94 7.27 28.56
C LYS J 9 -7.98 7.46 27.45
N GLU J 10 -8.14 8.70 26.97
CA GLU J 10 -9.08 8.93 25.88
C GLU J 10 -8.64 8.27 24.58
N ILE J 11 -7.33 8.23 24.30
CA ILE J 11 -6.91 7.53 23.09
C ILE J 11 -7.24 6.05 23.20
N GLY J 12 -6.97 5.45 24.36
CA GLY J 12 -7.31 4.06 24.56
C GLY J 12 -8.79 3.77 24.38
N LYS J 13 -9.66 4.59 24.98
CA LYS J 13 -11.11 4.38 24.80
C LYS J 13 -11.50 4.43 23.32
N ALA J 14 -10.92 5.37 22.56
CA ALA J 14 -11.29 5.48 21.16
C ALA J 14 -10.78 4.29 20.34
N LEU J 15 -9.57 3.83 20.65
CA LEU J 15 -9.05 2.67 19.92
C LEU J 15 -9.88 1.43 20.20
N LYS J 16 -10.38 1.30 21.42
CA LYS J 16 -11.31 0.19 21.72
C LYS J 16 -12.56 0.28 20.85
N GLU J 17 -13.13 1.47 20.69
CA GLU J 17 -14.31 1.62 19.83
C GLU J 17 -13.96 1.34 18.37
N ILE J 18 -12.75 1.71 17.93
CA ILE J 18 -12.34 1.39 16.57
C ILE J 18 -12.25 -0.12 16.38
N GLY J 19 -11.68 -0.83 17.35
CA GLY J 19 -11.59 -2.27 17.25
C GLY J 19 -12.96 -2.92 17.08
CD1 4BF J 20 -18.19 -1.26 18.16
CE1 4BF J 20 -19.54 -1.28 17.82
CZ 4BF J 20 -20.24 -2.48 17.96
BR 4BF J 20 -22.05 -2.53 17.49
CE2 4BF J 20 -19.63 -3.64 18.44
CD2 4BF J 20 -18.28 -3.62 18.78
CG 4BF J 20 -17.55 -2.42 18.63
CB 4BF J 20 -16.11 -2.36 18.96
CA 4BF J 20 -15.25 -2.93 17.80
N 4BF J 20 -13.92 -2.43 17.87
C 4BF J 20 -15.88 -2.71 16.40
O 4BF J 20 -16.46 -3.61 15.76
N ALA J 21 -15.73 -1.49 15.91
CA ALA J 21 -16.29 -1.18 14.58
C ALA J 21 -15.63 -2.01 13.47
N LEU J 22 -14.32 -2.19 13.53
CA LEU J 22 -13.65 -2.99 12.52
C LEU J 22 -14.08 -4.45 12.60
N LYS J 23 -14.33 -4.96 13.80
CA LYS J 23 -14.85 -6.32 13.94
CA LYS J 23 -14.86 -6.32 13.95
C LYS J 23 -16.22 -6.44 13.31
N GLU J 24 -17.08 -5.44 13.48
CA GLU J 24 -18.40 -5.47 12.87
C GLU J 24 -18.30 -5.42 11.34
N ILE J 25 -17.39 -4.59 10.81
CA ILE J 25 -17.19 -4.56 9.36
C ILE J 25 -16.78 -5.94 8.85
N GLY J 26 -15.83 -6.58 9.53
CA GLY J 26 -15.40 -7.89 9.10
C GLY J 26 -16.53 -8.90 9.07
N GLN J 27 -17.32 -8.94 10.14
CA GLN J 27 -18.44 -9.87 10.20
C GLN J 27 -19.46 -9.54 9.11
N ALA J 28 -19.66 -8.26 8.82
CA ALA J 28 -20.63 -7.88 7.78
C ALA J 28 -20.12 -8.23 6.40
N LEU J 29 -18.82 -8.10 6.16
CA LEU J 29 -18.28 -8.47 4.86
C LEU J 29 -18.28 -9.98 4.66
N LYS J 30 -18.19 -10.76 5.75
CA LYS J 30 -18.20 -12.21 5.64
C LYS J 30 -19.61 -12.76 5.48
N GLY J 31 -20.58 -12.14 6.12
CA GLY J 31 -21.95 -12.60 6.07
C GLY J 31 -22.78 -11.83 5.06
N GLY K 2 4.07 6.34 35.91
CA GLY K 2 3.40 5.34 36.72
C GLY K 2 2.01 5.02 36.21
N GLU K 3 1.07 5.91 36.52
CA GLU K 3 -0.28 5.83 35.94
C GLU K 3 -0.27 6.07 34.44
N ILE K 4 0.74 6.76 33.93
CA ILE K 4 0.94 6.83 32.49
C ILE K 4 1.24 5.44 31.94
N GLY K 5 2.01 4.65 32.68
CA GLY K 5 2.29 3.29 32.25
C GLY K 5 1.02 2.50 31.97
N GLN K 6 0.05 2.55 32.89
CA GLN K 6 -1.19 1.80 32.70
C GLN K 6 -2.04 2.36 31.56
N ALA K 7 -1.93 3.65 31.25
CA ALA K 7 -2.66 4.15 30.09
C ALA K 7 -2.01 3.66 28.81
N LEU K 8 -0.69 3.64 28.76
CA LEU K 8 0.01 3.12 27.60
C LEU K 8 -0.24 1.62 27.43
N LYS K 9 -0.42 0.90 28.54
CA LYS K 9 -0.67 -0.52 28.45
C LYS K 9 -2.05 -0.80 27.88
N GLU K 10 -3.04 0.03 28.24
CA GLU K 10 -4.37 -0.15 27.67
C GLU K 10 -4.41 0.22 26.18
N ILE K 11 -3.61 1.21 25.77
CA ILE K 11 -3.47 1.49 24.35
C ILE K 11 -2.82 0.31 23.64
N GLY K 12 -1.83 -0.32 24.26
CA GLY K 12 -1.21 -1.50 23.67
C GLY K 12 -2.21 -2.60 23.37
N LYS K 13 -3.08 -2.91 24.33
CA LYS K 13 -4.07 -3.97 24.15
C LYS K 13 -5.17 -3.58 23.16
N ALA K 14 -5.57 -2.30 23.12
CA ALA K 14 -6.54 -1.89 22.10
C ALA K 14 -5.93 -1.95 20.72
N LEU K 15 -4.65 -1.59 20.59
CA LEU K 15 -3.98 -1.68 19.31
C LEU K 15 -3.91 -3.12 18.83
N LYS K 16 -3.63 -4.05 19.75
CA LYS K 16 -3.59 -5.46 19.36
C LYS K 16 -4.96 -5.94 18.91
N GLU K 17 -6.02 -5.51 19.60
CA GLU K 17 -7.37 -5.89 19.17
C GLU K 17 -7.70 -5.31 17.80
N ILE K 18 -7.24 -4.09 17.51
CA ILE K 18 -7.38 -3.56 16.15
C ILE K 18 -6.65 -4.46 15.15
N GLY K 19 -5.45 -4.91 15.50
CA GLY K 19 -4.74 -5.82 14.61
C GLY K 19 -5.54 -7.07 14.30
CD1 4BF K 20 -5.49 -10.83 16.71
CE1 4BF K 20 -4.57 -11.45 17.55
CZ 4BF K 20 -4.69 -11.33 18.93
BR 4BF K 20 -3.49 -12.16 20.12
CE2 4BF K 20 -5.74 -10.58 19.46
CD2 4BF K 20 -6.66 -9.96 18.64
CG 4BF K 20 -6.54 -10.08 17.25
CB 4BF K 20 -7.54 -9.43 16.39
CA 4BF K 20 -6.94 -8.85 15.09
N 4BF K 20 -6.11 -7.69 15.32
C 4BF K 20 -8.16 -8.58 14.20
O 4BF K 20 -8.56 -9.37 13.34
N ALA K 21 -8.77 -7.42 14.40
CA ALA K 21 -9.93 -7.06 13.59
C ALA K 21 -9.54 -6.73 12.13
N LEU K 22 -8.38 -6.10 11.92
CA LEU K 22 -7.93 -5.85 10.56
C LEU K 22 -7.64 -7.16 9.85
N LYS K 23 -7.12 -8.15 10.59
CA LYS K 23 -6.87 -9.44 9.97
C LYS K 23 -8.17 -10.05 9.46
N GLU K 24 -9.24 -9.96 10.26
CA GLU K 24 -10.49 -10.55 9.83
C GLU K 24 -11.09 -9.80 8.66
N ILE K 25 -10.89 -8.49 8.60
CA ILE K 25 -11.32 -7.76 7.40
C ILE K 25 -10.57 -8.29 6.18
N GLY K 26 -9.25 -8.46 6.29
CA GLY K 26 -8.50 -9.01 5.18
C GLY K 26 -9.01 -10.36 4.75
N GLN K 27 -9.30 -11.24 5.71
CA GLN K 27 -9.84 -12.55 5.37
C GLN K 27 -11.20 -12.41 4.69
N ALA K 28 -12.01 -11.45 5.10
CA ALA K 28 -13.31 -11.28 4.46
C ALA K 28 -13.17 -10.76 3.02
N LEU K 29 -12.17 -9.91 2.75
CA LEU K 29 -11.95 -9.42 1.40
C LEU K 29 -11.42 -10.49 0.45
N LYS K 30 -10.97 -11.65 0.93
CA LYS K 30 -10.45 -12.70 0.03
C LYS K 30 -11.52 -13.40 -0.80
C ACE L 1 10.19 -0.63 33.79
O ACE L 1 9.63 0.40 33.41
CH3 ACE L 1 11.49 -1.11 33.18
N GLY L 2 9.70 -1.41 34.76
CA GLY L 2 8.47 -1.10 35.46
C GLY L 2 7.18 -1.20 34.67
N GLU L 3 6.16 -0.46 35.11
CA GLU L 3 4.86 -0.49 34.46
C GLU L 3 4.94 0.03 33.02
N ILE L 4 5.84 0.97 32.75
CA ILE L 4 6.05 1.45 31.39
C ILE L 4 6.78 0.40 30.56
N GLY L 5 7.68 -0.38 31.18
CA GLY L 5 8.27 -1.48 30.47
C GLY L 5 7.26 -2.52 30.05
N GLN L 6 6.23 -2.75 30.89
CA GLN L 6 5.21 -3.73 30.55
C GLN L 6 4.26 -3.20 29.49
N ALA L 7 4.03 -1.88 29.45
CA ALA L 7 3.32 -1.32 28.31
C ALA L 7 4.15 -1.47 27.05
N LEU L 8 5.47 -1.29 27.16
CA LEU L 8 6.33 -1.43 26.00
C LEU L 8 6.21 -2.82 25.39
N LYS L 9 6.07 -3.85 26.24
CA LYS L 9 5.91 -5.22 25.77
C LYS L 9 4.59 -5.41 25.03
N GLU L 10 3.49 -4.91 25.62
CA GLU L 10 2.19 -5.07 25.00
C GLU L 10 2.12 -4.34 23.67
N ILE L 11 2.70 -3.14 23.61
CA ILE L 11 2.75 -2.40 22.36
C ILE L 11 3.56 -3.17 21.32
N GLY L 12 4.64 -3.80 21.74
CA GLY L 12 5.39 -4.65 20.83
C GLY L 12 4.56 -5.81 20.29
N LYS L 13 3.76 -6.44 21.16
CA LYS L 13 2.88 -7.51 20.70
C LYS L 13 1.79 -6.99 19.77
N ALA L 14 1.35 -5.74 19.94
CA ALA L 14 0.37 -5.18 19.01
C ALA L 14 0.98 -4.96 17.63
N LEU L 15 2.19 -4.39 17.59
CA LEU L 15 2.84 -4.14 16.32
C LEU L 15 3.01 -5.44 15.53
N LYS L 16 3.36 -6.52 16.24
CA LYS L 16 3.45 -7.82 15.60
C LYS L 16 2.13 -8.23 14.98
N GLU L 17 1.03 -8.12 15.74
CA GLU L 17 -0.27 -8.54 15.22
C GLU L 17 -0.72 -7.65 14.07
N ILE L 18 -0.43 -6.36 14.16
CA ILE L 18 -0.76 -5.46 13.07
C ILE L 18 0.02 -5.82 11.82
N GLY L 19 1.31 -6.16 11.98
CA GLY L 19 2.10 -6.70 10.88
C GLY L 19 1.47 -7.91 10.23
CD1 4BF L 20 2.15 -12.30 11.24
CE1 4BF L 20 3.27 -12.94 11.77
CZ 4BF L 20 3.42 -13.05 13.16
BR 4BF L 20 4.94 -13.91 13.86
CE2 4BF L 20 2.45 -12.52 14.00
CD2 4BF L 20 1.33 -11.89 13.47
CG 4BF L 20 1.17 -11.77 12.08
CB 4BF L 20 -0.03 -11.11 11.51
CA 4BF L 20 0.35 -10.04 10.47
N 4BF L 20 1.06 -8.90 11.02
C 4BF L 20 -0.92 -9.66 9.73
O 4BF L 20 -1.31 -10.19 8.67
N ALA L 21 -1.61 -8.68 10.31
CA ALA L 21 -2.86 -8.20 9.72
C ALA L 21 -2.59 -7.59 8.35
N LEU L 22 -1.51 -6.80 8.26
CA LEU L 22 -1.20 -6.14 6.99
C LEU L 22 -0.85 -7.15 5.92
N LYS L 23 -0.17 -8.24 6.28
CA LYS L 23 0.12 -9.27 5.28
C LYS L 23 -1.16 -9.91 4.77
N GLU L 24 -2.08 -10.25 5.69
CA GLU L 24 -3.35 -10.83 5.26
C GLU L 24 -4.10 -9.89 4.32
N ILE L 25 -4.18 -8.60 4.68
CA ILE L 25 -4.85 -7.62 3.83
C ILE L 25 -4.16 -7.53 2.48
N GLY L 26 -2.83 -7.54 2.48
CA GLY L 26 -2.10 -7.49 1.22
C GLY L 26 -2.40 -8.68 0.34
N GLN L 27 -2.45 -9.88 0.94
CA GLN L 27 -2.79 -11.07 0.16
C GLN L 27 -4.18 -10.96 -0.43
N ALA L 28 -5.12 -10.35 0.30
CA ALA L 28 -6.47 -10.21 -0.24
C ALA L 28 -6.52 -9.20 -1.38
N LEU L 29 -5.71 -8.14 -1.31
CA LEU L 29 -5.82 -7.02 -2.23
C LEU L 29 -4.74 -7.00 -3.31
N LYS L 30 -3.74 -7.89 -3.24
CA LYS L 30 -2.78 -8.07 -4.33
C LYS L 30 -3.43 -8.59 -5.62
#